data_8SH5
#
_entry.id   8SH5
#
_cell.length_a   63.346
_cell.length_b   65.460
_cell.length_c   89.817
_cell.angle_alpha   90.000
_cell.angle_beta   110.290
_cell.angle_gamma   90.000
#
_symmetry.space_group_name_H-M   'P 1 21 1'
#
loop_
_entity.id
_entity.type
_entity.pdbx_description
1 polymer 'Fab BL3-6K170A heavy chain'
2 polymer 'Fab BL3-6K170A light chain'
3 polymer 'RNA (88-MER)'
4 water water
#
loop_
_entity_poly.entity_id
_entity_poly.type
_entity_poly.pdbx_seq_one_letter_code
_entity_poly.pdbx_strand_id
1 'polypeptide(L)'
;EISEVQLVESGGGLVQPGGSLRLSCAASGFYISYSSIHWVRQAPGKGLEWVASISPYSGSTYYADSVKGRFTISADTSKN
TAYLQMNSLRAEDTAVYYCARQGYRRRSGRGFDYWGQGTLVTVSSASTKGPSVFPLAPSSKSTSGGTAALGCLVKDYFPE
PVTVSWNSGALTSGVHTFPAVLQSSGLYSLSSVVTVPSSSLGTQTYICNVNHKPSNTKVDKKVEPKSC
;
H
2 'polypeptide(L)'
;SDIQMTQSPSSLSASVGDRVTITCRASQSVSSAVAWYQQKPGKAPKLLIYSASSLYSGVPSRFSGSRSGTDFTLTISSLQ
PEDFATYYCQQSYSFPSTFGQGTKVEIKRTVAAPSVFIFPPSDEQLKSGTASVVCLLNNFYPREAKVQWKVDNALQSGNS
QESVTEQDSADSTYSLSSTLTLSKADYEKHKVYACEVTHQGLSSPVTKSFNRGEC
;
L
3 'polyribonucleotide'
;(GDP)GUAGAACACGUGGGAUAGGGGAUGACCUUGUCGACCGAAACACGGUCCCCUGCUCCUUCGAGCUGGCAAGGCGCU
CACAGGUUCUAC
;
R
#
# COMPACT_ATOMS: atom_id res chain seq x y z
N GLU A 4 14.11 5.83 -21.81
CA GLU A 4 13.55 5.47 -20.51
C GLU A 4 12.51 6.49 -20.05
N VAL A 5 11.27 6.29 -20.49
CA VAL A 5 10.18 7.18 -20.12
C VAL A 5 9.90 7.09 -18.63
N GLN A 6 9.94 8.22 -17.94
CA GLN A 6 9.66 8.24 -16.52
C GLN A 6 9.06 9.58 -16.12
N LEU A 7 8.28 9.56 -15.05
CA LEU A 7 7.62 10.75 -14.51
C LEU A 7 7.91 10.82 -13.01
N VAL A 8 8.58 11.89 -12.58
CA VAL A 8 8.91 12.11 -11.18
C VAL A 8 8.04 13.23 -10.65
N GLU A 9 7.28 12.95 -9.60
CA GLU A 9 6.34 13.91 -9.04
C GLU A 9 6.87 14.46 -7.72
N SER A 10 6.40 15.65 -7.37
CA SER A 10 6.85 16.34 -6.18
C SER A 10 5.84 17.41 -5.81
N GLY A 11 6.05 18.02 -4.64
CA GLY A 11 5.21 19.09 -4.16
C GLY A 11 4.10 18.68 -3.22
N GLY A 12 3.95 17.40 -2.95
CA GLY A 12 2.90 16.93 -2.05
C GLY A 12 3.35 16.93 -0.61
N GLY A 13 2.38 17.09 0.29
CA GLY A 13 2.66 17.11 1.71
C GLY A 13 1.44 17.38 2.56
N LEU A 14 1.66 17.93 3.75
CA LEU A 14 0.58 18.26 4.66
C LEU A 14 0.11 19.69 4.42
N VAL A 15 -1.18 19.84 4.14
CA VAL A 15 -1.80 21.13 3.90
C VAL A 15 -2.95 21.29 4.89
N GLN A 16 -3.09 22.51 5.45
CA GLN A 16 -4.18 22.87 6.34
C GLN A 16 -5.50 22.72 5.61
N PRO A 17 -6.64 22.58 6.32
CA PRO A 17 -7.92 22.48 5.62
C PRO A 17 -8.36 23.83 5.05
N GLY A 18 -8.01 24.07 3.79
CA GLY A 18 -8.39 25.31 3.13
C GLY A 18 -7.26 25.98 2.38
N GLY A 19 -6.02 25.52 2.59
CA GLY A 19 -4.88 26.11 1.94
C GLY A 19 -4.75 25.71 0.48
N SER A 20 -3.62 26.09 -0.10
CA SER A 20 -3.30 25.80 -1.49
C SER A 20 -1.99 25.02 -1.57
N LEU A 21 -1.73 24.45 -2.74
CA LEU A 21 -0.53 23.66 -2.95
C LEU A 21 -0.37 23.40 -4.44
N ARG A 22 0.86 23.45 -4.93
CA ARG A 22 1.15 23.20 -6.34
C ARG A 22 2.00 21.94 -6.46
N LEU A 23 1.47 20.94 -7.15
CA LEU A 23 2.19 19.70 -7.41
C LEU A 23 2.88 19.77 -8.77
N SER A 24 4.10 19.28 -8.84
CA SER A 24 4.89 19.26 -10.05
C SER A 24 5.12 17.84 -10.53
N CYS A 25 5.22 17.67 -11.85
CA CYS A 25 5.40 16.37 -12.48
C CYS A 25 6.43 16.54 -13.60
N ALA A 26 7.69 16.26 -13.28
CA ALA A 26 8.75 16.35 -14.27
C ALA A 26 8.80 15.08 -15.11
N ALA A 27 9.07 15.26 -16.41
CA ALA A 27 9.14 14.16 -17.35
C ALA A 27 10.58 13.94 -17.79
N SER A 28 10.89 12.68 -18.12
CA SER A 28 12.20 12.36 -18.67
C SER A 28 12.04 11.24 -19.68
N GLY A 29 12.81 11.30 -20.76
CA GLY A 29 12.70 10.34 -21.84
C GLY A 29 11.74 10.73 -22.93
N PHE A 30 10.98 11.82 -22.75
CA PHE A 30 10.06 12.30 -23.78
C PHE A 30 9.74 13.75 -23.49
N TYR A 31 9.05 14.38 -24.44
CA TYR A 31 8.63 15.76 -24.33
C TYR A 31 7.11 15.81 -24.19
N ILE A 32 6.62 16.47 -23.15
CA ILE A 32 5.19 16.57 -22.90
C ILE A 32 4.47 17.42 -23.92
N SER A 33 5.19 18.16 -24.76
CA SER A 33 4.57 18.98 -25.79
C SER A 33 3.90 18.15 -26.88
N TYR A 34 4.20 16.85 -26.97
CA TYR A 34 3.64 15.98 -27.98
C TYR A 34 2.66 14.96 -27.42
N SER A 35 2.26 15.11 -26.16
CA SER A 35 1.40 14.12 -25.51
C SER A 35 0.40 14.83 -24.61
N SER A 36 -0.64 14.08 -24.23
CA SER A 36 -1.61 14.55 -23.25
C SER A 36 -1.19 14.08 -21.86
N ILE A 37 -1.31 14.97 -20.88
CA ILE A 37 -0.88 14.71 -19.51
C ILE A 37 -2.10 14.73 -18.61
N HIS A 38 -2.33 13.63 -17.89
CA HIS A 38 -3.47 13.48 -17.00
C HIS A 38 -3.02 13.43 -15.55
N TRP A 39 -3.85 13.97 -14.67
CA TRP A 39 -3.70 13.84 -13.24
C TRP A 39 -4.87 13.01 -12.70
N VAL A 40 -4.56 11.98 -11.92
CA VAL A 40 -5.56 11.13 -11.28
C VAL A 40 -5.17 10.92 -9.82
N ARG A 41 -6.15 10.98 -8.93
CA ARG A 41 -5.89 10.85 -7.50
C ARG A 41 -6.55 9.61 -6.95
N GLN A 42 -6.06 9.18 -5.79
CA GLN A 42 -6.56 7.98 -5.12
C GLN A 42 -6.53 8.24 -3.61
N ALA A 43 -7.70 8.30 -3.00
CA ALA A 43 -7.78 8.42 -1.55
C ALA A 43 -7.30 7.12 -0.91
N PRO A 44 -6.77 7.19 0.32
CA PRO A 44 -6.26 5.97 0.97
C PRO A 44 -7.34 4.92 1.16
N GLY A 45 -7.21 3.80 0.45
CA GLY A 45 -8.18 2.73 0.52
C GLY A 45 -9.31 2.81 -0.49
N LYS A 46 -9.25 3.75 -1.43
CA LYS A 46 -10.29 3.94 -2.42
C LYS A 46 -9.72 3.71 -3.82
N GLY A 47 -10.58 3.86 -4.82
CA GLY A 47 -10.20 3.62 -6.20
C GLY A 47 -9.55 4.82 -6.85
N LEU A 48 -9.18 4.63 -8.12
CA LEU A 48 -8.56 5.71 -8.88
C LEU A 48 -9.62 6.74 -9.29
N GLU A 49 -9.33 8.01 -9.04
CA GLU A 49 -10.23 9.10 -9.38
C GLU A 49 -9.54 10.03 -10.35
N TRP A 50 -10.11 10.17 -11.54
CA TRP A 50 -9.57 11.07 -12.56
C TRP A 50 -9.76 12.52 -12.11
N VAL A 51 -8.67 13.29 -12.11
CA VAL A 51 -8.71 14.67 -11.65
C VAL A 51 -8.80 15.62 -12.84
N ALA A 52 -7.77 15.62 -13.69
CA ALA A 52 -7.71 16.60 -14.76
C ALA A 52 -6.87 16.07 -15.92
N SER A 53 -6.82 16.85 -16.99
CA SER A 53 -6.04 16.50 -18.17
C SER A 53 -5.74 17.75 -18.98
N ILE A 54 -4.60 17.74 -19.66
CA ILE A 54 -4.20 18.82 -20.56
C ILE A 54 -3.67 18.20 -21.85
N SER A 55 -4.03 18.81 -22.99
CA SER A 55 -3.84 18.33 -24.35
C SER A 55 -2.55 18.89 -24.95
N PRO A 56 -1.99 18.23 -25.97
CA PRO A 56 -0.60 18.54 -26.37
C PRO A 56 -0.41 19.79 -27.22
N TYR A 57 -1.24 20.00 -28.24
CA TYR A 57 -1.02 21.08 -29.20
C TYR A 57 -1.93 22.29 -29.02
N SER A 58 -3.04 22.15 -28.29
CA SER A 58 -3.94 23.28 -28.07
C SER A 58 -3.88 23.85 -26.67
N GLY A 59 -3.31 23.11 -25.71
CA GLY A 59 -3.37 23.52 -24.32
C GLY A 59 -4.73 23.35 -23.69
N SER A 60 -5.67 22.69 -24.36
CA SER A 60 -7.00 22.51 -23.82
C SER A 60 -6.95 21.71 -22.52
N THR A 61 -7.70 22.17 -21.53
CA THR A 61 -7.75 21.53 -20.22
C THR A 61 -9.13 20.95 -19.97
N TYR A 62 -9.17 19.90 -19.16
CA TYR A 62 -10.41 19.27 -18.74
C TYR A 62 -10.29 18.89 -17.27
N TYR A 63 -11.38 19.11 -16.53
CA TYR A 63 -11.37 18.89 -15.09
C TYR A 63 -12.55 18.01 -14.69
N ALA A 64 -12.48 17.49 -13.48
CA ALA A 64 -13.55 16.69 -12.91
C ALA A 64 -14.56 17.59 -12.21
N ASP A 65 -15.81 17.12 -12.13
CA ASP A 65 -16.89 17.90 -11.54
C ASP A 65 -16.65 18.22 -10.07
N SER A 66 -15.75 17.49 -9.41
CA SER A 66 -15.47 17.71 -8.00
C SER A 66 -14.29 18.64 -7.75
N VAL A 67 -13.56 19.02 -8.79
CA VAL A 67 -12.38 19.86 -8.63
C VAL A 67 -12.44 21.03 -9.61
N LYS A 68 -13.63 21.31 -10.14
CA LYS A 68 -13.78 22.40 -11.09
C LYS A 68 -13.64 23.74 -10.37
N GLY A 69 -12.86 24.65 -10.95
CA GLY A 69 -12.62 25.94 -10.33
C GLY A 69 -11.53 25.97 -9.28
N ARG A 70 -11.51 24.98 -8.39
CA ARG A 70 -10.49 24.95 -7.35
C ARG A 70 -9.14 24.54 -7.92
N PHE A 71 -9.12 23.56 -8.81
CA PHE A 71 -7.89 23.03 -9.37
C PHE A 71 -7.59 23.67 -10.71
N THR A 72 -6.32 23.63 -11.10
CA THR A 72 -5.88 24.17 -12.38
C THR A 72 -4.66 23.41 -12.85
N ILE A 73 -4.78 22.79 -14.02
CA ILE A 73 -3.70 22.01 -14.62
C ILE A 73 -2.97 22.87 -15.64
N SER A 74 -1.65 22.75 -15.69
CA SER A 74 -0.83 23.53 -16.60
C SER A 74 0.40 22.72 -16.99
N ALA A 75 1.18 23.26 -17.92
CA ALA A 75 2.38 22.57 -18.38
C ALA A 75 3.38 23.58 -18.94
N ASP A 76 4.66 23.27 -18.76
CA ASP A 76 5.76 24.04 -19.34
C ASP A 76 6.53 23.15 -20.28
N THR A 77 6.62 23.57 -21.55
CA THR A 77 7.37 22.82 -22.55
C THR A 77 8.87 23.04 -22.38
N SER A 78 9.30 24.29 -22.14
CA SER A 78 10.72 24.58 -21.99
C SER A 78 11.33 23.81 -20.83
N LYS A 79 10.61 23.73 -19.70
CA LYS A 79 11.06 22.94 -18.57
C LYS A 79 10.56 21.50 -18.62
N ASN A 80 9.63 21.19 -19.53
CA ASN A 80 9.12 19.84 -19.73
C ASN A 80 8.53 19.28 -18.43
N THR A 81 7.59 20.03 -17.86
CA THR A 81 7.04 19.68 -16.55
C THR A 81 5.58 20.10 -16.46
N ALA A 82 4.73 19.18 -16.04
CA ALA A 82 3.33 19.49 -15.79
C ALA A 82 3.13 19.95 -14.36
N TYR A 83 2.02 20.67 -14.13
CA TYR A 83 1.73 21.24 -12.83
C TYR A 83 0.24 21.12 -12.54
N LEU A 84 -0.08 20.99 -11.26
CA LEU A 84 -1.45 20.97 -10.78
C LEU A 84 -1.53 21.87 -9.55
N GLN A 85 -2.15 23.04 -9.71
CA GLN A 85 -2.33 24.00 -8.63
C GLN A 85 -3.71 23.80 -8.03
N MET A 86 -3.76 23.44 -6.75
CA MET A 86 -5.02 23.17 -6.08
C MET A 86 -5.21 24.17 -4.94
N ASN A 87 -6.38 24.80 -4.91
CA ASN A 87 -6.74 25.78 -3.89
C ASN A 87 -7.97 25.32 -3.14
N SER A 88 -8.15 25.89 -1.95
CA SER A 88 -9.31 25.59 -1.09
C SER A 88 -9.44 24.10 -0.86
N LEU A 89 -8.36 23.50 -0.39
CA LEU A 89 -8.33 22.05 -0.17
C LEU A 89 -9.17 21.66 1.03
N ARG A 90 -9.96 20.61 0.87
CA ARG A 90 -10.77 20.04 1.94
C ARG A 90 -10.31 18.61 2.21
N ALA A 91 -10.91 18.01 3.24
CA ALA A 91 -10.54 16.64 3.62
C ALA A 91 -10.86 15.64 2.51
N GLU A 92 -11.77 15.98 1.60
CA GLU A 92 -12.09 15.09 0.49
C GLU A 92 -10.94 14.98 -0.51
N ASP A 93 -10.00 15.91 -0.48
CA ASP A 93 -8.90 15.94 -1.45
C ASP A 93 -7.64 15.25 -0.95
N THR A 94 -7.62 14.77 0.29
CA THR A 94 -6.49 14.01 0.80
C THR A 94 -6.32 12.73 -0.01
N ALA A 95 -5.21 12.61 -0.74
CA ALA A 95 -5.05 11.47 -1.65
C ALA A 95 -3.62 11.42 -2.15
N VAL A 96 -3.27 10.29 -2.74
CA VAL A 96 -2.05 10.15 -3.52
C VAL A 96 -2.38 10.58 -4.94
N TYR A 97 -1.61 11.53 -5.48
CA TYR A 97 -1.84 12.07 -6.80
C TYR A 97 -0.78 11.53 -7.76
N TYR A 98 -1.23 11.01 -8.91
CA TYR A 98 -0.35 10.52 -9.96
C TYR A 98 -0.53 11.38 -11.20
N CYS A 99 0.57 11.60 -11.92
CA CYS A 99 0.52 12.13 -13.28
C CYS A 99 0.86 11.01 -14.26
N ALA A 100 0.11 10.94 -15.34
CA ALA A 100 0.26 9.90 -16.33
C ALA A 100 0.34 10.52 -17.72
N ARG A 101 1.08 9.85 -18.60
CA ARG A 101 1.20 10.26 -19.99
C ARG A 101 0.24 9.44 -20.83
N GLN A 102 -0.60 10.13 -21.61
CA GLN A 102 -1.44 9.45 -22.58
C GLN A 102 -0.56 9.04 -23.76
N GLY A 103 -0.47 7.74 -24.00
CA GLY A 103 0.44 7.23 -25.01
C GLY A 103 0.11 7.69 -26.41
N TYR A 104 1.02 7.38 -27.32
CA TYR A 104 0.87 7.78 -28.71
C TYR A 104 -0.25 6.98 -29.38
N ARG A 105 -0.94 7.64 -30.32
CA ARG A 105 -2.16 7.08 -30.87
C ARG A 105 -1.91 5.92 -31.84
N ARG A 106 -0.70 5.81 -32.39
CA ARG A 106 -0.39 4.64 -33.20
C ARG A 106 0.00 3.46 -32.31
N ARG A 107 0.99 3.67 -31.44
CA ARG A 107 1.47 2.61 -30.57
C ARG A 107 0.32 2.06 -29.73
N SER A 108 -0.30 2.93 -28.93
CA SER A 108 -1.48 2.58 -28.16
C SER A 108 -2.64 3.45 -28.62
N GLY A 109 -3.69 3.53 -27.80
CA GLY A 109 -4.86 4.32 -28.16
C GLY A 109 -4.94 5.61 -27.36
N ARG A 110 -5.93 5.72 -26.48
CA ARG A 110 -6.02 6.82 -25.54
C ARG A 110 -5.65 6.40 -24.12
N GLY A 111 -5.05 5.23 -23.96
CA GLY A 111 -4.69 4.76 -22.64
C GLY A 111 -3.40 5.36 -22.14
N PHE A 112 -3.29 5.40 -20.81
CA PHE A 112 -2.14 6.00 -20.13
C PHE A 112 -1.07 4.93 -20.00
N ASP A 113 -0.08 4.96 -20.90
CA ASP A 113 0.94 3.91 -20.93
C ASP A 113 1.94 4.04 -19.79
N TYR A 114 2.35 5.27 -19.46
CA TYR A 114 3.34 5.50 -18.42
C TYR A 114 2.73 6.35 -17.30
N TRP A 115 3.07 5.99 -16.06
CA TRP A 115 2.54 6.64 -14.87
C TRP A 115 3.68 7.04 -13.96
N GLY A 116 3.35 7.84 -12.95
CA GLY A 116 4.29 8.23 -11.93
C GLY A 116 4.04 7.48 -10.63
N GLN A 117 5.04 7.54 -9.74
CA GLN A 117 4.91 6.89 -8.45
C GLN A 117 3.95 7.61 -7.51
N GLY A 118 3.56 8.83 -7.82
CA GLY A 118 2.57 9.54 -7.02
C GLY A 118 3.18 10.28 -5.84
N THR A 119 2.46 11.29 -5.37
CA THR A 119 2.85 12.06 -4.20
C THR A 119 1.64 12.23 -3.29
N LEU A 120 1.88 12.16 -1.98
CA LEU A 120 0.81 12.16 -1.00
C LEU A 120 0.45 13.58 -0.61
N VAL A 121 -0.85 13.88 -0.56
CA VAL A 121 -1.35 15.17 -0.11
C VAL A 121 -2.33 14.90 1.03
N THR A 122 -2.00 15.40 2.22
CA THR A 122 -2.83 15.22 3.40
C THR A 122 -3.42 16.57 3.77
N VAL A 123 -4.74 16.66 3.77
CA VAL A 123 -5.45 17.91 4.08
C VAL A 123 -5.93 17.76 5.53
N SER A 124 -5.09 18.19 6.46
CA SER A 124 -5.41 18.09 7.88
C SER A 124 -4.74 19.24 8.63
N SER A 125 -5.40 19.71 9.68
CA SER A 125 -4.86 20.76 10.53
C SER A 125 -3.98 20.21 11.65
N ALA A 126 -3.70 18.90 11.64
CA ALA A 126 -2.83 18.29 12.64
C ALA A 126 -1.37 18.64 12.35
N SER A 127 -0.53 18.36 13.33
CA SER A 127 0.88 18.75 13.28
C SER A 127 1.76 17.57 12.91
N THR A 128 3.01 17.87 12.57
CA THR A 128 3.98 16.86 12.16
C THR A 128 4.74 16.35 13.38
N LYS A 129 4.87 15.03 13.47
CA LYS A 129 5.61 14.40 14.56
C LYS A 129 6.51 13.31 13.98
N GLY A 130 7.78 13.33 14.39
CA GLY A 130 8.71 12.30 14.00
C GLY A 130 8.50 11.03 14.78
N PRO A 131 8.79 9.88 14.15
CA PRO A 131 8.52 8.60 14.80
C PRO A 131 9.62 8.19 15.77
N SER A 132 9.24 7.27 16.65
CA SER A 132 10.19 6.57 17.51
C SER A 132 10.39 5.16 16.96
N VAL A 133 11.64 4.73 16.88
CA VAL A 133 12.01 3.44 16.30
C VAL A 133 12.53 2.56 17.42
N PHE A 134 11.88 1.41 17.62
CA PHE A 134 12.28 0.47 18.65
C PHE A 134 12.62 -0.88 18.03
N PRO A 135 13.65 -1.57 18.53
CA PRO A 135 14.01 -2.87 17.97
C PRO A 135 13.16 -3.98 18.58
N LEU A 136 12.64 -4.87 17.74
CA LEU A 136 11.98 -6.10 18.15
C LEU A 136 13.01 -7.21 17.93
N ALA A 137 13.76 -7.53 18.98
CA ALA A 137 14.87 -8.47 18.92
C ALA A 137 14.36 -9.90 18.81
N PRO A 138 15.11 -10.78 18.13
CA PRO A 138 14.73 -12.19 18.08
C PRO A 138 14.82 -12.82 19.47
N SER A 139 13.79 -13.57 19.83
CA SER A 139 13.71 -14.16 21.16
C SER A 139 14.76 -15.23 21.33
N SER A 140 15.35 -15.28 22.53
CA SER A 140 16.30 -16.34 22.83
C SER A 140 15.60 -17.69 22.96
N LYS A 141 14.39 -17.69 23.53
CA LYS A 141 13.62 -18.91 23.73
C LYS A 141 12.61 -19.05 22.59
N SER A 142 13.12 -19.45 21.42
CA SER A 142 12.29 -19.63 20.23
C SER A 142 12.20 -21.09 19.78
N THR A 143 12.49 -22.04 20.69
CA THR A 143 12.43 -23.49 20.46
C THR A 143 13.50 -23.96 19.47
N SER A 144 14.60 -23.22 19.35
CA SER A 144 15.72 -23.58 18.48
C SER A 144 15.23 -23.93 17.07
N GLY A 145 14.39 -23.08 16.52
CA GLY A 145 13.85 -23.31 15.19
C GLY A 145 14.89 -23.09 14.10
N GLY A 146 14.50 -23.43 12.88
CA GLY A 146 15.38 -23.19 11.74
C GLY A 146 15.48 -21.73 11.35
N THR A 147 14.37 -21.00 11.43
CA THR A 147 14.35 -19.57 11.12
C THR A 147 13.75 -18.79 12.28
N ALA A 148 14.29 -17.61 12.54
CA ALA A 148 13.79 -16.71 13.56
C ALA A 148 13.27 -15.43 12.90
N ALA A 149 12.63 -14.59 13.71
CA ALA A 149 12.02 -13.37 13.23
C ALA A 149 12.52 -12.20 14.05
N LEU A 150 12.81 -11.08 13.38
CA LEU A 150 13.26 -9.87 14.05
C LEU A 150 12.76 -8.67 13.28
N GLY A 151 12.51 -7.57 13.98
CA GLY A 151 11.91 -6.45 13.30
C GLY A 151 12.13 -5.13 14.00
N CYS A 152 11.34 -4.13 13.57
CA CYS A 152 11.40 -2.78 14.10
C CYS A 152 9.99 -2.22 14.20
N LEU A 153 9.73 -1.51 15.29
CA LEU A 153 8.45 -0.85 15.53
C LEU A 153 8.63 0.65 15.34
N VAL A 154 7.89 1.22 14.40
CA VAL A 154 7.92 2.65 14.09
C VAL A 154 6.62 3.24 14.59
N LYS A 155 6.68 3.96 15.72
CA LYS A 155 5.49 4.34 16.46
C LYS A 155 5.42 5.86 16.64
N ASP A 156 4.19 6.37 16.70
CA ASP A 156 3.91 7.75 17.09
C ASP A 156 4.53 8.74 16.11
N TYR A 157 3.95 8.75 14.91
CA TYR A 157 4.33 9.70 13.88
C TYR A 157 3.08 10.15 13.13
N PHE A 158 3.20 11.32 12.48
CA PHE A 158 2.14 11.87 11.67
C PHE A 158 2.74 12.94 10.78
N PRO A 159 2.36 13.02 9.50
CA PRO A 159 1.41 12.14 8.82
C PRO A 159 2.11 11.02 8.07
N GLU A 160 1.39 10.34 7.18
CA GLU A 160 2.00 9.34 6.32
C GLU A 160 2.92 10.02 5.30
N PRO A 161 3.88 9.28 4.73
CA PRO A 161 4.25 7.89 5.03
C PRO A 161 5.66 7.77 5.59
N VAL A 162 6.08 6.55 5.93
CA VAL A 162 7.46 6.26 6.33
C VAL A 162 8.01 5.20 5.39
N THR A 163 9.30 5.30 5.11
CA THR A 163 10.01 4.35 4.26
C THR A 163 10.89 3.47 5.14
N VAL A 164 10.59 2.18 5.17
CA VAL A 164 11.33 1.22 5.98
C VAL A 164 12.06 0.26 5.06
N SER A 165 13.37 0.14 5.27
CA SER A 165 14.20 -0.82 4.54
C SER A 165 15.08 -1.55 5.55
N TRP A 166 15.83 -2.52 5.06
CA TRP A 166 16.74 -3.29 5.91
C TRP A 166 18.10 -3.37 5.24
N ASN A 167 19.16 -3.21 6.05
CA ASN A 167 20.54 -3.21 5.58
C ASN A 167 20.74 -2.18 4.47
N SER A 168 20.12 -1.01 4.65
CA SER A 168 20.15 0.07 3.67
C SER A 168 19.64 -0.40 2.30
N GLY A 169 18.54 -1.16 2.32
CA GLY A 169 17.97 -1.67 1.10
C GLY A 169 18.67 -2.88 0.53
N ALA A 170 19.28 -3.71 1.38
CA ALA A 170 19.98 -4.91 0.92
C ALA A 170 19.27 -6.21 1.24
N LEU A 171 18.30 -6.19 2.16
CA LEU A 171 17.54 -7.38 2.53
C LEU A 171 16.09 -7.16 2.13
N THR A 172 15.64 -7.91 1.12
CA THR A 172 14.28 -7.80 0.60
C THR A 172 13.44 -9.04 0.81
N SER A 173 14.01 -10.23 0.58
CA SER A 173 13.26 -11.47 0.75
C SER A 173 12.97 -11.70 2.23
N GLY A 174 11.72 -12.06 2.53
CA GLY A 174 11.30 -12.29 3.89
C GLY A 174 10.94 -11.05 4.68
N VAL A 175 10.95 -9.88 4.05
CA VAL A 175 10.63 -8.63 4.73
C VAL A 175 9.14 -8.36 4.59
N HIS A 176 8.51 -7.97 5.69
CA HIS A 176 7.09 -7.64 5.71
C HIS A 176 6.91 -6.36 6.50
N THR A 177 6.56 -5.27 5.80
CA THR A 177 6.34 -3.97 6.41
C THR A 177 4.83 -3.73 6.46
N PHE A 178 4.25 -3.93 7.63
CA PHE A 178 2.80 -3.84 7.77
C PHE A 178 2.31 -2.42 7.50
N PRO A 179 1.10 -2.27 6.97
CA PRO A 179 0.52 -0.94 6.82
C PRO A 179 0.35 -0.25 8.17
N ALA A 180 0.41 1.08 8.15
CA ALA A 180 0.30 1.84 9.37
C ALA A 180 -1.10 1.71 9.96
N VAL A 181 -1.20 1.86 11.28
CA VAL A 181 -2.46 1.77 12.00
C VAL A 181 -2.64 3.08 12.76
N LEU A 182 -3.70 3.81 12.41
CA LEU A 182 -4.01 5.06 13.10
C LEU A 182 -4.59 4.74 14.47
N GLN A 183 -3.83 5.05 15.52
CA GLN A 183 -4.26 4.75 16.87
C GLN A 183 -5.08 5.90 17.44
N SER A 184 -5.47 5.77 18.71
CA SER A 184 -6.36 6.75 19.33
C SER A 184 -5.68 8.10 19.55
N SER A 185 -4.36 8.13 19.64
CA SER A 185 -3.61 9.37 19.87
C SER A 185 -3.48 10.21 18.60
N GLY A 186 -4.17 9.85 17.52
CA GLY A 186 -4.07 10.58 16.28
C GLY A 186 -2.80 10.35 15.50
N LEU A 187 -1.85 9.59 16.04
CA LEU A 187 -0.59 9.30 15.38
C LEU A 187 -0.65 7.93 14.70
N TYR A 188 0.39 7.63 13.93
CA TYR A 188 0.48 6.39 13.19
C TYR A 188 1.53 5.48 13.80
N SER A 189 1.31 4.17 13.66
CA SER A 189 2.24 3.18 14.18
C SER A 189 2.20 1.96 13.28
N LEU A 190 3.38 1.45 12.95
CA LEU A 190 3.49 0.22 12.16
C LEU A 190 4.72 -0.55 12.61
N SER A 191 4.87 -1.74 12.04
CA SER A 191 6.01 -2.60 12.29
C SER A 191 6.54 -3.12 10.97
N SER A 192 7.82 -3.51 10.98
CA SER A 192 8.43 -4.18 9.84
C SER A 192 9.28 -5.33 10.36
N VAL A 193 8.91 -6.55 9.99
CA VAL A 193 9.57 -7.76 10.47
C VAL A 193 10.29 -8.44 9.32
N VAL A 194 11.17 -9.37 9.66
CA VAL A 194 11.89 -10.15 8.67
C VAL A 194 12.23 -11.50 9.28
N THR A 195 12.12 -12.55 8.47
CA THR A 195 12.45 -13.91 8.85
C THR A 195 13.82 -14.25 8.29
N VAL A 196 14.75 -14.62 9.17
CA VAL A 196 16.11 -14.94 8.76
C VAL A 196 16.54 -16.26 9.40
N PRO A 197 17.48 -16.99 8.80
CA PRO A 197 18.00 -18.20 9.45
C PRO A 197 18.60 -17.87 10.80
N SER A 198 18.12 -18.55 11.84
CA SER A 198 18.55 -18.28 13.20
C SER A 198 20.02 -18.64 13.44
N SER A 199 20.65 -19.36 12.52
CA SER A 199 22.07 -19.70 12.65
C SER A 199 22.99 -18.54 12.30
N SER A 200 22.44 -17.41 11.84
CA SER A 200 23.24 -16.25 11.48
C SER A 200 22.94 -15.03 12.35
N LEU A 201 22.27 -15.22 13.49
CA LEU A 201 21.99 -14.09 14.37
C LEU A 201 23.24 -13.62 15.09
N GLY A 202 24.22 -14.50 15.28
CA GLY A 202 25.47 -14.15 15.92
C GLY A 202 26.57 -13.70 14.99
N THR A 203 26.31 -13.67 13.68
CA THR A 203 27.31 -13.26 12.70
C THR A 203 26.83 -12.10 11.85
N GLN A 204 25.65 -12.22 11.24
CA GLN A 204 25.13 -11.16 10.38
C GLN A 204 24.50 -10.05 11.22
N THR A 205 24.80 -8.81 10.85
CA THR A 205 24.23 -7.65 11.52
C THR A 205 22.99 -7.19 10.78
N TYR A 206 21.88 -7.09 11.50
CA TYR A 206 20.59 -6.71 10.93
C TYR A 206 20.20 -5.33 11.45
N ILE A 207 20.09 -4.37 10.53
CA ILE A 207 19.76 -3.00 10.86
C ILE A 207 18.56 -2.57 10.02
N CYS A 208 17.59 -1.91 10.65
CA CYS A 208 16.45 -1.37 9.95
C CYS A 208 16.61 0.13 9.77
N ASN A 209 16.29 0.62 8.58
CA ASN A 209 16.43 2.02 8.21
C ASN A 209 15.04 2.61 8.01
N VAL A 210 14.70 3.59 8.85
CA VAL A 210 13.39 4.23 8.82
C VAL A 210 13.58 5.68 8.43
N ASN A 211 12.83 6.12 7.42
CA ASN A 211 12.88 7.50 6.93
C ASN A 211 11.49 8.11 7.04
N HIS A 212 11.41 9.31 7.60
CA HIS A 212 10.17 10.08 7.68
C HIS A 212 10.51 11.48 7.18
N LYS A 213 10.24 11.73 5.90
CA LYS A 213 10.51 13.01 5.26
C LYS A 213 9.66 14.15 5.81
N PRO A 214 8.37 13.94 6.12
CA PRO A 214 7.60 15.03 6.74
C PRO A 214 8.23 15.62 7.98
N SER A 215 9.01 14.83 8.73
CA SER A 215 9.74 15.34 9.88
C SER A 215 11.26 15.28 9.69
N ASN A 216 11.73 14.83 8.52
CA ASN A 216 13.16 14.76 8.21
C ASN A 216 13.91 13.95 9.26
N THR A 217 13.34 12.82 9.65
CA THR A 217 13.94 11.96 10.67
C THR A 217 14.34 10.64 10.03
N LYS A 218 15.63 10.35 10.07
CA LYS A 218 16.17 9.07 9.61
C LYS A 218 16.82 8.35 10.78
N VAL A 219 16.46 7.09 10.97
CA VAL A 219 16.97 6.27 12.08
C VAL A 219 17.47 4.95 11.51
N ASP A 220 18.68 4.56 11.91
CA ASP A 220 19.27 3.28 11.55
C ASP A 220 19.40 2.46 12.83
N LYS A 221 18.34 1.71 13.15
CA LYS A 221 18.27 0.98 14.41
C LYS A 221 18.80 -0.43 14.22
N LYS A 222 19.79 -0.79 15.03
CA LYS A 222 20.39 -2.12 14.99
C LYS A 222 19.60 -3.07 15.89
N VAL A 223 19.30 -4.25 15.39
CA VAL A 223 18.52 -5.24 16.11
C VAL A 223 19.48 -6.33 16.61
N GLU A 224 19.63 -6.43 17.92
CA GLU A 224 20.49 -7.42 18.54
C GLU A 224 19.71 -8.24 19.55
N PRO A 225 19.88 -9.56 19.56
CA PRO A 225 19.18 -10.39 20.56
C PRO A 225 19.75 -10.14 21.95
N LYS A 226 18.85 -10.12 22.94
CA LYS A 226 19.27 -9.88 24.30
C LYS A 226 20.00 -11.09 24.86
N SER A 227 20.92 -10.82 25.79
CA SER A 227 21.73 -11.89 26.38
C SER A 227 20.86 -12.81 27.24
N CYS A 228 20.99 -14.11 27.01
CA CYS A 228 20.21 -15.10 27.77
C CYS A 228 20.90 -16.46 27.76
N SER B 1 -24.95 14.75 -17.77
CA SER B 1 -24.48 13.70 -16.87
C SER B 1 -23.21 13.05 -17.40
N ASP B 2 -22.23 12.86 -16.51
CA ASP B 2 -20.99 12.21 -16.88
C ASP B 2 -21.22 10.70 -17.08
N ILE B 3 -20.19 10.04 -17.63
CA ILE B 3 -20.27 8.64 -17.97
C ILE B 3 -19.65 7.83 -16.83
N GLN B 4 -20.51 7.19 -16.03
CA GLN B 4 -20.04 6.31 -14.97
C GLN B 4 -19.89 4.88 -15.49
N MET B 5 -18.91 4.17 -14.93
CA MET B 5 -18.62 2.80 -15.32
C MET B 5 -18.70 1.91 -14.10
N THR B 6 -19.68 1.01 -14.09
CA THR B 6 -19.86 0.08 -12.98
C THR B 6 -19.05 -1.19 -13.24
N GLN B 7 -18.15 -1.53 -12.33
CA GLN B 7 -17.30 -2.69 -12.47
C GLN B 7 -17.84 -3.84 -11.63
N SER B 8 -17.65 -5.06 -12.13
CA SER B 8 -18.18 -6.25 -11.49
C SER B 8 -17.20 -7.41 -11.62
N PRO B 9 -16.92 -8.14 -10.53
CA PRO B 9 -17.37 -7.89 -9.16
C PRO B 9 -16.44 -6.92 -8.44
N SER B 10 -16.74 -6.54 -7.21
CA SER B 10 -15.82 -5.69 -6.46
C SER B 10 -14.61 -6.47 -5.94
N SER B 11 -14.72 -7.80 -5.82
CA SER B 11 -13.62 -8.63 -5.35
C SER B 11 -13.91 -10.07 -5.71
N LEU B 12 -12.84 -10.84 -5.90
CA LEU B 12 -12.95 -12.27 -6.16
C LEU B 12 -11.65 -12.93 -5.74
N SER B 13 -11.68 -14.26 -5.67
CA SER B 13 -10.52 -15.05 -5.27
C SER B 13 -10.50 -16.32 -6.11
N ALA B 14 -9.53 -16.44 -7.01
CA ALA B 14 -9.42 -17.58 -7.88
C ALA B 14 -8.10 -18.30 -7.69
N SER B 15 -8.09 -19.58 -8.06
CA SER B 15 -6.93 -20.42 -7.89
C SER B 15 -5.92 -20.16 -9.02
N VAL B 16 -4.71 -20.67 -8.82
CA VAL B 16 -3.67 -20.55 -9.83
C VAL B 16 -4.06 -21.36 -11.07
N GLY B 17 -3.95 -20.75 -12.23
CA GLY B 17 -4.37 -21.38 -13.47
C GLY B 17 -5.84 -21.21 -13.80
N ASP B 18 -6.60 -20.50 -12.98
CA ASP B 18 -8.02 -20.30 -13.22
C ASP B 18 -8.24 -19.19 -14.25
N ARG B 19 -9.42 -19.22 -14.87
CA ARG B 19 -9.80 -18.24 -15.88
C ARG B 19 -10.75 -17.23 -15.25
N VAL B 20 -10.25 -16.00 -15.03
CA VAL B 20 -10.98 -14.96 -14.32
C VAL B 20 -11.42 -13.90 -15.31
N THR B 21 -12.71 -13.55 -15.27
CA THR B 21 -13.27 -12.52 -16.11
C THR B 21 -13.82 -11.41 -15.21
N ILE B 22 -13.50 -10.16 -15.55
CA ILE B 22 -14.01 -8.98 -14.87
C ILE B 22 -14.78 -8.15 -15.89
N THR B 23 -16.02 -7.79 -15.56
CA THR B 23 -16.86 -7.03 -16.47
C THR B 23 -16.91 -5.56 -16.04
N CYS B 24 -17.15 -4.68 -17.01
CA CYS B 24 -17.26 -3.25 -16.75
C CYS B 24 -18.31 -2.69 -17.71
N ARG B 25 -19.39 -2.15 -17.14
CA ARG B 25 -20.53 -1.66 -17.89
C ARG B 25 -20.54 -0.14 -17.89
N ALA B 26 -20.59 0.46 -19.08
CA ALA B 26 -20.63 1.90 -19.19
C ALA B 26 -22.08 2.40 -19.08
N SER B 27 -22.21 3.61 -18.53
CA SER B 27 -23.54 4.21 -18.39
C SER B 27 -24.17 4.48 -19.75
N GLN B 28 -23.35 4.75 -20.76
CA GLN B 28 -23.83 4.98 -22.12
C GLN B 28 -22.74 4.54 -23.08
N SER B 29 -22.99 4.73 -24.37
CA SER B 29 -22.04 4.29 -25.39
C SER B 29 -20.72 5.04 -25.24
N VAL B 30 -19.62 4.28 -25.19
CA VAL B 30 -18.29 4.86 -25.05
C VAL B 30 -17.39 4.34 -26.16
N SER B 31 -18.00 3.81 -27.21
CA SER B 31 -17.28 3.28 -28.38
C SER B 31 -16.31 2.21 -27.88
N SER B 32 -15.07 2.20 -28.36
CA SER B 32 -14.05 1.25 -27.91
C SER B 32 -12.88 1.97 -27.26
N ALA B 33 -13.14 3.13 -26.67
CA ALA B 33 -12.10 3.94 -26.04
C ALA B 33 -12.00 3.64 -24.54
N VAL B 34 -11.91 2.35 -24.20
CA VAL B 34 -11.77 1.93 -22.82
C VAL B 34 -10.44 1.23 -22.64
N ALA B 35 -9.91 1.30 -21.42
CA ALA B 35 -8.61 0.74 -21.09
C ALA B 35 -8.71 0.00 -19.78
N TRP B 36 -7.85 -1.01 -19.63
CA TRP B 36 -7.78 -1.82 -18.42
C TRP B 36 -6.40 -1.68 -17.81
N TYR B 37 -6.36 -1.21 -16.56
CA TYR B 37 -5.14 -1.02 -15.80
C TYR B 37 -5.08 -2.00 -14.64
N GLN B 38 -3.84 -2.31 -14.23
CA GLN B 38 -3.54 -3.19 -13.12
C GLN B 38 -2.68 -2.45 -12.11
N GLN B 39 -3.14 -2.38 -10.86
CA GLN B 39 -2.44 -1.62 -9.83
C GLN B 39 -2.11 -2.49 -8.63
N LYS B 40 -0.82 -2.56 -8.31
CA LYS B 40 -0.31 -3.20 -7.11
C LYS B 40 -0.54 -2.31 -5.90
N PRO B 41 -0.64 -2.90 -4.71
CA PRO B 41 -0.88 -2.11 -3.50
C PRO B 41 0.24 -1.10 -3.26
N GLY B 42 -0.13 0.18 -3.29
CA GLY B 42 0.83 1.25 -3.10
C GLY B 42 1.79 1.46 -4.25
N LYS B 43 1.41 1.04 -5.45
CA LYS B 43 2.27 1.16 -6.62
C LYS B 43 1.51 1.84 -7.75
N ALA B 44 2.27 2.27 -8.76
CA ALA B 44 1.66 2.95 -9.89
C ALA B 44 0.92 1.96 -10.78
N PRO B 45 -0.25 2.31 -11.29
CA PRO B 45 -0.97 1.40 -12.18
C PRO B 45 -0.23 1.20 -13.50
N LYS B 46 -0.34 0.00 -14.03
CA LYS B 46 0.26 -0.37 -15.30
C LYS B 46 -0.82 -0.55 -16.35
N LEU B 47 -0.53 -0.14 -17.58
CA LEU B 47 -1.48 -0.28 -18.68
C LEU B 47 -1.45 -1.72 -19.19
N LEU B 48 -2.56 -2.42 -19.03
CA LEU B 48 -2.72 -3.78 -19.55
C LEU B 48 -3.39 -3.81 -20.91
N ILE B 49 -4.55 -3.17 -21.04
CA ILE B 49 -5.35 -3.23 -22.26
C ILE B 49 -5.68 -1.82 -22.71
N TYR B 50 -5.53 -1.55 -24.00
CA TYR B 50 -5.96 -0.31 -24.60
C TYR B 50 -6.90 -0.60 -25.77
N SER B 51 -7.79 0.35 -26.05
CA SER B 51 -8.77 0.23 -27.13
C SER B 51 -9.60 -1.05 -26.98
N ALA B 52 -10.00 -1.34 -25.74
CA ALA B 52 -10.89 -2.45 -25.42
C ALA B 52 -10.29 -3.83 -25.71
N SER B 53 -9.84 -4.06 -26.94
CA SER B 53 -9.48 -5.41 -27.38
C SER B 53 -8.01 -5.58 -27.72
N SER B 54 -7.17 -4.59 -27.44
CA SER B 54 -5.75 -4.66 -27.77
C SER B 54 -4.92 -4.62 -26.49
N LEU B 55 -3.99 -5.56 -26.36
CA LEU B 55 -3.11 -5.60 -25.20
C LEU B 55 -1.88 -4.73 -25.44
N TYR B 56 -1.46 -4.03 -24.39
CA TYR B 56 -0.31 -3.14 -24.49
C TYR B 56 0.97 -3.95 -24.69
N SER B 57 1.92 -3.36 -25.41
CA SER B 57 3.17 -4.03 -25.72
C SER B 57 3.93 -4.37 -24.44
N GLY B 58 4.25 -5.65 -24.28
CA GLY B 58 4.96 -6.14 -23.11
C GLY B 58 4.07 -6.88 -22.12
N VAL B 59 2.76 -6.78 -22.25
CA VAL B 59 1.82 -7.48 -21.37
C VAL B 59 1.76 -8.95 -21.79
N PRO B 60 1.81 -9.89 -20.85
CA PRO B 60 1.72 -11.31 -21.21
C PRO B 60 0.41 -11.63 -21.92
N SER B 61 0.44 -12.67 -22.76
CA SER B 61 -0.70 -13.03 -23.58
C SER B 61 -1.88 -13.55 -22.76
N ARG B 62 -1.70 -13.85 -21.47
CA ARG B 62 -2.80 -14.34 -20.67
C ARG B 62 -3.86 -13.26 -20.42
N PHE B 63 -3.49 -11.99 -20.49
CA PHE B 63 -4.46 -10.92 -20.38
C PHE B 63 -5.12 -10.66 -21.74
N SER B 64 -6.44 -10.48 -21.72
CA SER B 64 -7.15 -10.15 -22.94
C SER B 64 -8.34 -9.27 -22.61
N GLY B 65 -8.82 -8.55 -23.61
CA GLY B 65 -9.97 -7.68 -23.45
C GLY B 65 -10.92 -7.81 -24.61
N SER B 66 -12.22 -7.70 -24.31
CA SER B 66 -13.24 -7.81 -25.33
C SER B 66 -14.35 -6.80 -25.04
N ARG B 67 -15.10 -6.46 -26.09
CA ARG B 67 -16.19 -5.51 -26.02
C ARG B 67 -17.46 -6.14 -26.58
N SER B 68 -18.57 -5.98 -25.85
CA SER B 68 -19.91 -6.33 -26.31
C SER B 68 -20.78 -5.11 -26.04
N GLY B 69 -20.85 -4.22 -27.02
CA GLY B 69 -21.60 -2.98 -26.87
C GLY B 69 -21.06 -2.09 -25.77
N THR B 70 -21.79 -2.02 -24.66
CA THR B 70 -21.35 -1.24 -23.50
C THR B 70 -20.62 -2.08 -22.46
N ASP B 71 -20.62 -3.40 -22.59
CA ASP B 71 -19.91 -4.26 -21.65
C ASP B 71 -18.49 -4.50 -22.13
N PHE B 72 -17.54 -4.51 -21.19
CA PHE B 72 -16.14 -4.74 -21.51
C PHE B 72 -15.58 -5.77 -20.54
N THR B 73 -15.00 -6.83 -21.08
CA THR B 73 -14.54 -7.97 -20.29
C THR B 73 -13.02 -8.06 -20.35
N LEU B 74 -12.39 -8.07 -19.18
CA LEU B 74 -10.96 -8.34 -19.04
C LEU B 74 -10.80 -9.77 -18.53
N THR B 75 -10.10 -10.60 -19.31
CA THR B 75 -9.97 -12.01 -19.01
C THR B 75 -8.51 -12.36 -18.74
N ILE B 76 -8.30 -13.25 -17.77
CA ILE B 76 -7.03 -13.90 -17.51
C ILE B 76 -7.26 -15.39 -17.67
N SER B 77 -6.64 -15.99 -18.68
CA SER B 77 -6.91 -17.39 -19.00
C SER B 77 -6.38 -18.31 -17.91
N SER B 78 -5.10 -18.16 -17.55
CA SER B 78 -4.47 -18.95 -16.48
C SER B 78 -3.88 -17.98 -15.47
N LEU B 79 -4.57 -17.81 -14.35
CA LEU B 79 -4.12 -16.87 -13.33
C LEU B 79 -2.75 -17.28 -12.79
N GLN B 80 -1.92 -16.28 -12.52
CA GLN B 80 -0.56 -16.47 -12.05
C GLN B 80 -0.42 -15.95 -10.62
N PRO B 81 0.57 -16.44 -9.87
CA PRO B 81 0.80 -15.91 -8.51
C PRO B 81 1.22 -14.45 -8.50
N GLU B 82 1.62 -13.88 -9.64
CA GLU B 82 2.06 -12.49 -9.72
C GLU B 82 0.95 -11.56 -10.21
N ASP B 83 -0.25 -12.08 -10.40
CA ASP B 83 -1.36 -11.31 -10.95
C ASP B 83 -2.26 -10.74 -9.86
N PHE B 84 -1.72 -10.53 -8.65
CA PHE B 84 -2.50 -9.99 -7.55
C PHE B 84 -2.50 -8.47 -7.63
N ALA B 85 -3.67 -7.88 -7.85
CA ALA B 85 -3.76 -6.43 -7.90
C ALA B 85 -5.22 -6.03 -7.95
N THR B 86 -5.45 -4.73 -7.96
CA THR B 86 -6.77 -4.20 -8.26
C THR B 86 -6.78 -3.71 -9.70
N TYR B 87 -7.76 -4.18 -10.46
CA TYR B 87 -7.88 -3.89 -11.87
C TYR B 87 -8.98 -2.86 -12.10
N TYR B 88 -8.75 -1.95 -13.02
CA TYR B 88 -9.63 -0.81 -13.24
C TYR B 88 -9.93 -0.63 -14.72
N CYS B 89 -11.18 -0.28 -15.03
CA CYS B 89 -11.58 0.11 -16.38
C CYS B 89 -11.74 1.62 -16.43
N GLN B 90 -11.22 2.23 -17.50
CA GLN B 90 -11.26 3.67 -17.66
C GLN B 90 -11.70 4.01 -19.08
N GLN B 91 -12.73 4.83 -19.20
CA GLN B 91 -13.21 5.29 -20.50
C GLN B 91 -12.48 6.57 -20.91
N SER B 92 -12.15 6.66 -22.19
CA SER B 92 -11.55 7.85 -22.77
C SER B 92 -12.39 8.37 -23.93
N TYR B 93 -13.71 8.13 -23.87
CA TYR B 93 -14.60 8.52 -24.94
C TYR B 93 -14.98 9.99 -24.86
N SER B 94 -15.08 10.54 -23.65
CA SER B 94 -15.45 11.94 -23.48
C SER B 94 -14.96 12.41 -22.12
N PHE B 95 -14.87 13.72 -21.97
CA PHE B 95 -14.45 14.33 -20.71
C PHE B 95 -15.65 14.74 -19.88
N PRO B 96 -15.61 14.58 -18.55
CA PRO B 96 -14.49 14.06 -17.75
C PRO B 96 -14.35 12.54 -17.84
N SER B 97 -13.14 12.05 -18.08
CA SER B 97 -12.92 10.61 -18.06
C SER B 97 -13.16 10.06 -16.66
N THR B 98 -13.63 8.82 -16.60
CA THR B 98 -13.97 8.18 -15.33
C THR B 98 -13.37 6.79 -15.27
N PHE B 99 -13.06 6.34 -14.06
CA PHE B 99 -12.60 4.99 -13.79
C PHE B 99 -13.74 4.15 -13.21
N GLY B 100 -13.48 2.86 -13.08
CA GLY B 100 -14.40 1.98 -12.40
C GLY B 100 -14.06 1.83 -10.93
N GLN B 101 -15.01 1.27 -10.17
CA GLN B 101 -14.80 1.08 -8.74
C GLN B 101 -13.59 0.20 -8.47
N GLY B 102 -13.25 -0.67 -9.40
CA GLY B 102 -12.09 -1.53 -9.25
C GLY B 102 -12.46 -2.92 -8.78
N THR B 103 -11.69 -3.91 -9.22
CA THR B 103 -11.85 -5.30 -8.83
C THR B 103 -10.53 -5.78 -8.27
N LYS B 104 -10.50 -6.06 -6.96
CA LYS B 104 -9.31 -6.57 -6.29
C LYS B 104 -9.28 -8.09 -6.47
N VAL B 105 -8.35 -8.58 -7.27
CA VAL B 105 -8.28 -10.00 -7.59
C VAL B 105 -7.34 -10.68 -6.60
N GLU B 106 -7.88 -11.65 -5.87
CA GLU B 106 -7.12 -12.45 -4.94
C GLU B 106 -6.82 -13.82 -5.54
N ILE B 107 -5.79 -14.46 -5.01
CA ILE B 107 -5.31 -15.74 -5.50
C ILE B 107 -5.65 -16.79 -4.44
N LYS B 108 -6.58 -17.68 -4.76
CA LYS B 108 -6.95 -18.74 -3.83
C LYS B 108 -5.82 -19.74 -3.68
N ARG B 109 -5.66 -20.25 -2.46
CA ARG B 109 -4.49 -21.03 -2.09
C ARG B 109 -4.92 -22.13 -1.12
N THR B 110 -4.05 -23.12 -0.95
CA THR B 110 -4.30 -24.14 0.06
C THR B 110 -4.03 -23.57 1.45
N VAL B 111 -4.77 -24.09 2.43
CA VAL B 111 -4.66 -23.56 3.79
C VAL B 111 -3.26 -23.81 4.33
N ALA B 112 -2.64 -22.76 4.86
CA ALA B 112 -1.30 -22.81 5.42
C ALA B 112 -1.31 -22.22 6.82
N ALA B 113 -0.82 -22.99 7.79
CA ALA B 113 -0.77 -22.53 9.16
C ALA B 113 0.23 -21.38 9.29
N PRO B 114 -0.01 -20.44 10.22
CA PRO B 114 0.92 -19.34 10.41
C PRO B 114 2.07 -19.71 11.35
N SER B 115 3.14 -18.95 11.22
CA SER B 115 4.25 -19.01 12.18
C SER B 115 4.06 -17.88 13.18
N VAL B 116 3.95 -18.23 14.45
CA VAL B 116 3.61 -17.27 15.50
C VAL B 116 4.87 -16.93 16.30
N PHE B 117 5.12 -15.63 16.45
CA PHE B 117 6.22 -15.12 17.26
C PHE B 117 5.69 -14.02 18.18
N ILE B 118 6.41 -13.78 19.26
CA ILE B 118 6.06 -12.73 20.21
C ILE B 118 7.30 -11.91 20.52
N PHE B 119 7.10 -10.60 20.70
CA PHE B 119 8.19 -9.65 20.95
C PHE B 119 7.82 -8.84 22.16
N PRO B 120 8.60 -8.87 23.24
CA PRO B 120 8.32 -8.02 24.40
C PRO B 120 8.75 -6.58 24.12
N PRO B 121 8.32 -5.64 24.96
CA PRO B 121 8.71 -4.24 24.74
C PRO B 121 10.22 -4.05 24.85
N SER B 122 10.76 -3.19 23.99
CA SER B 122 12.17 -2.87 24.03
C SER B 122 12.51 -2.07 25.28
N ASP B 123 13.80 -2.08 25.64
CA ASP B 123 14.25 -1.23 26.74
C ASP B 123 14.17 0.24 26.36
N GLU B 124 14.39 0.58 25.08
CA GLU B 124 14.23 1.95 24.62
C GLU B 124 12.80 2.42 24.79
N GLN B 125 11.83 1.57 24.43
CA GLN B 125 10.43 1.93 24.60
C GLN B 125 10.07 2.07 26.08
N LEU B 126 10.66 1.23 26.92
CA LEU B 126 10.44 1.38 28.36
C LEU B 126 11.01 2.71 28.85
N LYS B 127 12.13 3.15 28.28
CA LYS B 127 12.64 4.48 28.60
C LYS B 127 11.70 5.57 28.10
N SER B 128 11.02 5.33 26.98
CA SER B 128 10.10 6.33 26.45
C SER B 128 8.86 6.48 27.33
N GLY B 129 8.53 5.49 28.14
CA GLY B 129 7.41 5.56 29.07
C GLY B 129 6.23 4.68 28.71
N THR B 130 6.25 4.02 27.57
CA THR B 130 5.17 3.13 27.14
C THR B 130 5.73 1.72 26.93
N ALA B 131 4.84 0.79 26.57
CA ALA B 131 5.26 -0.59 26.34
C ALA B 131 4.29 -1.22 25.35
N SER B 132 4.81 -1.57 24.16
CA SER B 132 4.02 -2.23 23.14
C SER B 132 4.59 -3.63 22.92
N VAL B 133 3.79 -4.65 23.18
CA VAL B 133 4.16 -6.04 22.93
C VAL B 133 3.57 -6.46 21.60
N VAL B 134 4.38 -7.12 20.77
CA VAL B 134 4.01 -7.42 19.38
C VAL B 134 3.80 -8.93 19.23
N CYS B 135 2.83 -9.30 18.40
CA CYS B 135 2.56 -10.69 18.07
C CYS B 135 2.51 -10.82 16.57
N LEU B 136 3.32 -11.70 16.01
CA LEU B 136 3.50 -11.82 14.57
C LEU B 136 2.97 -13.17 14.09
N LEU B 137 2.10 -13.13 13.07
CA LEU B 137 1.58 -14.30 12.38
C LEU B 137 2.10 -14.23 10.95
N ASN B 138 3.05 -15.09 10.61
CA ASN B 138 3.79 -14.98 9.36
C ASN B 138 3.41 -16.11 8.41
N ASN B 139 3.21 -15.76 7.14
CA ASN B 139 3.06 -16.71 6.03
C ASN B 139 1.94 -17.72 6.28
N PHE B 140 0.70 -17.30 6.09
CA PHE B 140 -0.45 -18.16 6.30
C PHE B 140 -1.49 -17.90 5.23
N TYR B 141 -2.55 -18.72 5.24
CA TYR B 141 -3.68 -18.57 4.34
C TYR B 141 -4.82 -19.43 4.87
N PRO B 142 -6.07 -18.97 4.83
CA PRO B 142 -6.55 -17.69 4.28
C PRO B 142 -6.28 -16.50 5.19
N ARG B 143 -6.77 -15.31 4.80
CA ARG B 143 -6.50 -14.08 5.53
C ARG B 143 -7.16 -14.05 6.90
N GLU B 144 -8.24 -14.80 7.09
CA GLU B 144 -8.98 -14.75 8.34
C GLU B 144 -8.19 -15.39 9.47
N ALA B 145 -8.08 -14.69 10.59
CA ALA B 145 -7.36 -15.18 11.76
C ALA B 145 -7.79 -14.37 12.96
N LYS B 146 -7.73 -14.98 14.15
CA LYS B 146 -8.11 -14.30 15.37
C LYS B 146 -6.96 -14.30 16.36
N VAL B 147 -6.73 -13.15 16.99
CA VAL B 147 -5.66 -12.97 17.96
C VAL B 147 -6.25 -12.44 19.25
N GLN B 148 -5.91 -13.06 20.37
CA GLN B 148 -6.32 -12.61 21.69
C GLN B 148 -5.09 -12.41 22.56
N TRP B 149 -5.20 -11.49 23.51
CA TRP B 149 -4.13 -11.17 24.44
C TRP B 149 -4.53 -11.56 25.84
N LYS B 150 -3.60 -12.18 26.58
CA LYS B 150 -3.82 -12.58 27.95
C LYS B 150 -2.74 -11.95 28.82
N VAL B 151 -3.16 -11.11 29.77
CA VAL B 151 -2.26 -10.46 30.71
C VAL B 151 -2.51 -11.10 32.07
N ASP B 152 -1.56 -11.91 32.53
CA ASP B 152 -1.71 -12.71 33.75
C ASP B 152 -2.96 -13.58 33.66
N ASN B 153 -3.11 -14.25 32.52
CA ASN B 153 -4.25 -15.13 32.26
C ASN B 153 -5.58 -14.37 32.38
N ALA B 154 -5.66 -13.24 31.66
CA ALA B 154 -6.86 -12.41 31.66
C ALA B 154 -7.01 -11.78 30.29
N LEU B 155 -8.20 -11.89 29.71
CA LEU B 155 -8.44 -11.38 28.38
C LEU B 155 -8.33 -9.86 28.33
N GLN B 156 -8.03 -9.35 27.15
CA GLN B 156 -7.91 -7.92 26.90
C GLN B 156 -8.78 -7.54 25.71
N SER B 157 -9.33 -6.32 25.76
CA SER B 157 -10.19 -5.84 24.70
C SER B 157 -10.09 -4.32 24.61
N GLY B 158 -10.00 -3.82 23.38
CA GLY B 158 -9.96 -2.40 23.11
C GLY B 158 -8.58 -1.78 23.13
N ASN B 159 -7.61 -2.41 23.78
CA ASN B 159 -6.26 -1.86 23.90
C ASN B 159 -5.27 -2.55 22.96
N SER B 160 -5.75 -3.10 21.84
CA SER B 160 -4.90 -3.81 20.90
C SER B 160 -5.28 -3.44 19.48
N GLN B 161 -4.27 -3.21 18.65
CA GLN B 161 -4.43 -2.91 17.23
C GLN B 161 -3.86 -4.06 16.40
N GLU B 162 -4.30 -4.14 15.14
CA GLU B 162 -3.80 -5.19 14.27
C GLU B 162 -3.74 -4.69 12.84
N SER B 163 -2.75 -5.18 12.10
CA SER B 163 -2.54 -4.84 10.70
C SER B 163 -2.25 -6.10 9.91
N VAL B 164 -2.61 -6.09 8.63
CA VAL B 164 -2.44 -7.24 7.75
C VAL B 164 -1.73 -6.79 6.49
N THR B 165 -0.71 -7.54 6.07
CA THR B 165 0.00 -7.25 4.84
C THR B 165 -0.83 -7.67 3.63
N GLU B 166 -0.31 -7.36 2.45
CA GLU B 166 -0.89 -7.84 1.22
C GLU B 166 -0.32 -9.22 0.88
N GLN B 167 -0.92 -9.86 -0.13
CA GLN B 167 -0.44 -11.16 -0.55
C GLN B 167 0.94 -11.06 -1.18
N ASP B 168 1.86 -11.90 -0.73
CA ASP B 168 3.10 -12.08 -1.47
C ASP B 168 2.80 -12.59 -2.87
N SER B 169 3.61 -12.15 -3.83
CA SER B 169 3.42 -12.46 -5.24
C SER B 169 4.18 -13.71 -5.68
N ALA B 170 4.86 -14.39 -4.75
CA ALA B 170 5.48 -15.66 -5.05
C ALA B 170 4.91 -16.83 -4.24
N ASP B 171 4.22 -16.58 -3.12
CA ASP B 171 3.61 -17.66 -2.34
C ASP B 171 2.15 -17.42 -1.98
N SER B 172 1.61 -16.22 -2.23
CA SER B 172 0.20 -15.89 -1.99
C SER B 172 -0.19 -16.02 -0.52
N THR B 173 0.73 -15.70 0.38
CA THR B 173 0.49 -15.82 1.82
C THR B 173 0.20 -14.45 2.44
N TYR B 174 -0.11 -14.47 3.73
CA TYR B 174 -0.46 -13.27 4.48
C TYR B 174 0.40 -13.17 5.72
N SER B 175 0.49 -11.95 6.24
CA SER B 175 1.20 -11.68 7.49
C SER B 175 0.39 -10.69 8.29
N LEU B 176 0.23 -10.97 9.58
CA LEU B 176 -0.55 -10.15 10.49
C LEU B 176 0.30 -9.76 11.70
N SER B 177 0.18 -8.50 12.10
CA SER B 177 0.82 -8.00 13.31
C SER B 177 -0.26 -7.54 14.28
N SER B 178 -0.08 -7.88 15.55
CA SER B 178 -1.00 -7.47 16.61
C SER B 178 -0.20 -6.81 17.71
N THR B 179 -0.47 -5.52 17.94
CA THR B 179 0.26 -4.72 18.92
C THR B 179 -0.64 -4.44 20.11
N LEU B 180 -0.18 -4.80 21.31
CA LEU B 180 -0.86 -4.48 22.56
C LEU B 180 -0.06 -3.39 23.26
N THR B 181 -0.66 -2.22 23.41
CA THR B 181 0.00 -1.05 23.97
C THR B 181 -0.50 -0.80 25.39
N LEU B 182 0.44 -0.54 26.29
CA LEU B 182 0.13 -0.24 27.68
C LEU B 182 1.10 0.82 28.18
N SER B 183 0.77 1.41 29.32
CA SER B 183 1.70 2.31 29.98
C SER B 183 2.76 1.51 30.73
N LYS B 184 3.88 2.16 31.02
CA LYS B 184 4.97 1.48 31.72
C LYS B 184 4.51 0.94 33.06
N ALA B 185 3.71 1.74 33.79
CA ALA B 185 3.20 1.28 35.08
C ALA B 185 2.27 0.08 34.93
N ASP B 186 1.40 0.10 33.91
CA ASP B 186 0.51 -1.03 33.70
C ASP B 186 1.25 -2.26 33.22
N TYR B 187 2.32 -2.07 32.42
CA TYR B 187 3.11 -3.21 31.98
C TYR B 187 3.89 -3.83 33.14
N GLU B 188 4.42 -3.00 34.02
CA GLU B 188 5.17 -3.51 35.17
C GLU B 188 4.27 -4.04 36.28
N LYS B 189 2.97 -3.74 36.24
CA LYS B 189 2.06 -4.19 37.28
C LYS B 189 1.74 -5.68 37.18
N HIS B 190 1.90 -6.27 36.00
CA HIS B 190 1.62 -7.68 35.77
C HIS B 190 2.92 -8.44 35.53
N LYS B 191 2.78 -9.74 35.24
CA LYS B 191 3.95 -10.62 35.13
C LYS B 191 4.04 -11.28 33.76
N VAL B 192 3.15 -12.21 33.43
CA VAL B 192 3.25 -13.00 32.21
C VAL B 192 2.30 -12.43 31.17
N TYR B 193 2.73 -12.45 29.90
CA TYR B 193 1.95 -11.95 28.78
C TYR B 193 1.91 -13.01 27.70
N ALA B 194 0.72 -13.29 27.16
CA ALA B 194 0.52 -14.36 26.21
C ALA B 194 -0.31 -13.89 25.02
N CYS B 195 0.07 -14.36 23.83
CA CYS B 195 -0.67 -14.13 22.60
C CYS B 195 -1.24 -15.46 22.12
N GLU B 196 -2.57 -15.52 21.98
CA GLU B 196 -3.26 -16.73 21.58
C GLU B 196 -3.84 -16.54 20.19
N VAL B 197 -3.46 -17.42 19.26
CA VAL B 197 -3.82 -17.31 17.85
C VAL B 197 -4.71 -18.48 17.49
N THR B 198 -5.84 -18.18 16.84
CA THR B 198 -6.70 -19.20 16.25
C THR B 198 -6.77 -18.97 14.75
N HIS B 199 -6.50 -20.03 13.99
CA HIS B 199 -6.50 -19.99 12.54
C HIS B 199 -6.98 -21.35 12.04
N GLN B 200 -7.49 -21.35 10.80
CA GLN B 200 -8.03 -22.58 10.24
C GLN B 200 -6.94 -23.63 10.01
N GLY B 201 -5.72 -23.19 9.73
CA GLY B 201 -4.61 -24.11 9.54
C GLY B 201 -4.17 -24.82 10.81
N LEU B 202 -4.70 -24.41 11.96
CA LEU B 202 -4.37 -25.01 13.24
C LEU B 202 -5.55 -25.83 13.75
N SER B 203 -5.24 -26.91 14.47
CA SER B 203 -6.26 -27.70 15.14
C SER B 203 -6.49 -27.26 16.57
N SER B 204 -5.63 -26.40 17.12
CA SER B 204 -5.77 -25.89 18.48
C SER B 204 -5.12 -24.52 18.55
N PRO B 205 -5.63 -23.61 19.38
CA PRO B 205 -5.07 -22.26 19.45
C PRO B 205 -3.62 -22.26 19.94
N VAL B 206 -2.75 -21.64 19.16
CA VAL B 206 -1.32 -21.59 19.49
C VAL B 206 -1.05 -20.40 20.39
N THR B 207 -0.44 -20.65 21.54
CA THR B 207 -0.17 -19.62 22.54
C THR B 207 1.33 -19.41 22.68
N LYS B 208 1.77 -18.16 22.54
CA LYS B 208 3.17 -17.78 22.74
C LYS B 208 3.21 -16.78 23.89
N SER B 209 3.92 -17.11 24.95
CA SER B 209 3.93 -16.30 26.16
C SER B 209 5.37 -15.97 26.56
N PHE B 210 5.48 -14.97 27.43
CA PHE B 210 6.76 -14.58 28.00
C PHE B 210 6.53 -13.92 29.36
N ASN B 211 7.49 -14.13 30.26
CA ASN B 211 7.50 -13.47 31.57
C ASN B 211 8.37 -12.23 31.48
N ARG B 212 7.80 -11.07 31.80
CA ARG B 212 8.51 -9.81 31.66
C ARG B 212 9.70 -9.76 32.61
N GLY B 213 10.70 -8.94 32.24
CA GLY B 213 11.90 -8.78 33.04
C GLY B 213 12.86 -9.94 32.99
N GLU B 214 12.53 -11.03 32.30
CA GLU B 214 13.37 -12.22 32.23
C GLU B 214 13.77 -12.42 30.76
N CYS B 215 14.97 -11.99 30.42
CA CYS B 215 15.49 -12.06 29.05
C CYS B 215 14.55 -11.39 28.06
#